data_3G89
#
_entry.id   3G89
#
_cell.length_a   77.212
_cell.length_b   77.212
_cell.length_c   167.807
_cell.angle_alpha   90.00
_cell.angle_beta   90.00
_cell.angle_gamma   120.00
#
_symmetry.space_group_name_H-M   'P 61'
#
loop_
_entity.id
_entity.type
_entity.pdbx_description
1 polymer 'Ribosomal RNA small subunit methyltransferase G'
2 non-polymer S-ADENOSYLMETHIONINE
3 non-polymer 'ADENOSINE MONOPHOSPHATE'
4 water water
#
_entity_poly.entity_id   1
_entity_poly.type   'polypeptide(L)'
_entity_poly.pdbx_seq_one_letter_code
;MF(HIC)GKHPGGLSERGRALLLEGGKALGLDLKPHLEAFSRLYALLQEASGKVNLTALRGEEEVVVKHFLDSLTLLRLP
LWQGPLRVLDLGTGAGFPGLPLKIVRPELELVLVDATRKKVAFVERAIEVLGLKGARALWGRAEVLAREAGHREAYARAV
ARAVAPLCVLSELLLPFLEVGGAAVAMKGPRVEEELAPLPPALERLGGRLGEVLALQLPLSGEARHLVVLEKTAPTPPAY
PRRPGVPERHPLC
;
_entity_poly.pdbx_strand_id   A,B
#
loop_
_chem_comp.id
_chem_comp.type
_chem_comp.name
_chem_comp.formula
AMP non-polymer 'ADENOSINE MONOPHOSPHATE' 'C10 H14 N5 O7 P'
SAM non-polymer S-ADENOSYLMETHIONINE 'C15 H22 N6 O5 S'
#
# COMPACT_ATOMS: atom_id res chain seq x y z
N MET A 1 -2.39 -18.70 -27.46
CA MET A 1 -1.66 -18.53 -26.16
C MET A 1 -2.39 -19.09 -24.92
N PHE A 2 -1.63 -19.24 -23.81
CA PHE A 2 -2.11 -19.77 -22.47
C PHE A 2 -2.77 -21.09 -22.60
N HIC A 3 -2.24 -22.04 -23.33
CA HIC A 3 -2.83 -23.36 -23.50
C HIC A 3 -2.43 -24.42 -22.50
O HIC A 3 -3.10 -25.45 -22.46
CB HIC A 3 -2.38 -23.86 -24.89
CG HIC A 3 -2.89 -22.85 -25.93
ND1 HIC A 3 -4.17 -22.62 -26.33
CD2 HIC A 3 -2.10 -21.93 -26.49
CE1 HIC A 3 -4.17 -21.61 -27.20
NE2 HIC A 3 -2.90 -21.17 -27.27
CZ HIC A 3 -2.36 -20.07 -28.07
N GLY A 4 -1.37 -24.19 -21.71
CA GLY A 4 -0.81 -25.23 -20.88
C GLY A 4 -1.77 -25.63 -19.74
N LYS A 5 -1.81 -26.92 -19.44
CA LYS A 5 -2.73 -27.41 -18.41
C LYS A 5 -1.91 -27.84 -17.17
N HIS A 6 -2.63 -28.07 -16.06
CA HIS A 6 -2.04 -28.53 -14.80
C HIS A 6 -3.00 -29.45 -14.05
N PRO A 7 -2.58 -30.69 -13.80
CA PRO A 7 -3.47 -31.69 -13.20
C PRO A 7 -3.88 -31.35 -11.77
N GLY A 8 -3.03 -30.64 -11.03
CA GLY A 8 -3.32 -30.28 -9.66
C GLY A 8 -2.71 -28.93 -9.31
N GLY A 9 -3.26 -27.87 -9.88
CA GLY A 9 -2.73 -26.54 -9.64
C GLY A 9 -3.27 -25.60 -10.73
N LEU A 10 -2.79 -24.36 -10.70
CA LEU A 10 -3.25 -23.36 -11.64
C LEU A 10 -2.73 -23.71 -13.04
N SER A 11 -3.57 -23.50 -14.06
CA SER A 11 -3.20 -23.70 -15.46
C SER A 11 -2.33 -22.54 -15.92
N GLU A 12 -1.79 -22.60 -17.14
CA GLU A 12 -1.05 -21.49 -17.65
C GLU A 12 -1.95 -20.27 -17.70
N ARG A 13 -3.20 -20.44 -18.09
CA ARG A 13 -4.10 -19.30 -18.13
C ARG A 13 -4.35 -18.73 -16.71
N GLY A 14 -4.59 -19.60 -15.75
CA GLY A 14 -4.86 -19.14 -14.39
C GLY A 14 -3.65 -18.43 -13.78
N ARG A 15 -2.42 -18.92 -14.00
CA ARG A 15 -1.21 -18.23 -13.58
C ARG A 15 -1.13 -16.86 -14.22
N ALA A 16 -1.35 -16.78 -15.53
CA ALA A 16 -1.29 -15.50 -16.21
C ALA A 16 -2.36 -14.53 -15.68
N LEU A 17 -3.58 -15.01 -15.42
CA LEU A 17 -4.64 -14.12 -14.88
C LEU A 17 -4.22 -13.60 -13.52
N LEU A 18 -3.65 -14.48 -12.70
CA LEU A 18 -3.21 -14.06 -11.38
C LEU A 18 -2.09 -13.01 -11.44
N LEU A 19 -1.10 -13.25 -12.29
CA LEU A 19 -0.03 -12.26 -12.44
C LEU A 19 -0.55 -10.92 -12.95
N GLU A 20 -1.46 -10.98 -13.94
CA GLU A 20 -1.95 -9.77 -14.55
C GLU A 20 -2.77 -8.97 -13.53
N GLY A 21 -3.67 -9.67 -12.82
CA GLY A 21 -4.48 -9.01 -11.82
C GLY A 21 -3.57 -8.44 -10.72
N GLY A 22 -2.56 -9.21 -10.31
CA GLY A 22 -1.57 -8.69 -9.36
C GLY A 22 -0.91 -7.40 -9.80
N LYS A 23 -0.48 -7.34 -11.07
CA LYS A 23 0.24 -6.17 -11.52
C LYS A 23 -0.73 -4.95 -11.51
N ALA A 24 -2.01 -5.21 -11.82
CA ALA A 24 -2.99 -4.14 -11.72
C ALA A 24 -3.14 -3.54 -10.29
N LEU A 25 -2.91 -4.37 -9.28
CA LEU A 25 -3.00 -3.93 -7.89
C LEU A 25 -1.70 -3.28 -7.49
N GLY A 26 -0.64 -3.46 -8.29
CA GLY A 26 0.68 -2.96 -7.90
C GLY A 26 1.64 -4.00 -7.35
N LEU A 27 1.24 -5.27 -7.45
CA LEU A 27 1.97 -6.39 -6.89
C LEU A 27 2.71 -7.23 -7.94
N ASP A 28 3.88 -7.75 -7.58
CA ASP A 28 4.57 -8.74 -8.43
C ASP A 28 4.32 -10.11 -7.79
N LEU A 29 3.38 -10.87 -8.35
CA LEU A 29 3.06 -12.13 -7.73
C LEU A 29 3.90 -13.34 -8.23
N LYS A 30 4.94 -13.07 -9.04
CA LYS A 30 5.76 -14.21 -9.52
C LYS A 30 6.32 -15.08 -8.40
N PRO A 31 6.86 -14.49 -7.32
CA PRO A 31 7.44 -15.34 -6.26
C PRO A 31 6.39 -16.18 -5.55
N HIS A 32 5.12 -15.86 -5.79
CA HIS A 32 4.06 -16.47 -5.00
C HIS A 32 3.16 -17.39 -5.81
N LEU A 33 3.46 -17.58 -7.10
CA LEU A 33 2.68 -18.50 -7.92
C LEU A 33 2.52 -19.91 -7.39
N GLU A 34 3.62 -20.51 -6.91
CA GLU A 34 3.54 -21.89 -6.44
C GLU A 34 2.60 -21.98 -5.25
N ALA A 35 2.70 -21.00 -4.34
CA ALA A 35 1.84 -20.98 -3.16
C ALA A 35 0.35 -20.86 -3.53
N PHE A 36 0.05 -19.94 -4.45
CA PHE A 36 -1.32 -19.79 -4.87
C PHE A 36 -1.84 -20.96 -5.66
N SER A 37 -0.94 -21.57 -6.44
CA SER A 37 -1.34 -22.72 -7.24
C SER A 37 -1.66 -23.92 -6.30
N ARG A 38 -0.85 -24.09 -5.26
CA ARG A 38 -1.15 -25.13 -4.29
C ARG A 38 -2.47 -24.88 -3.58
N LEU A 39 -2.70 -23.63 -3.21
CA LEU A 39 -3.91 -23.31 -2.51
C LEU A 39 -5.11 -23.57 -3.43
N TYR A 40 -4.98 -23.20 -4.71
CA TYR A 40 -6.02 -23.51 -5.66
C TYR A 40 -6.28 -25.03 -5.74
N ALA A 41 -5.20 -25.78 -5.82
CA ALA A 41 -5.37 -27.25 -5.82
C ALA A 41 -6.13 -27.76 -4.60
N LEU A 42 -5.77 -27.23 -3.44
CA LEU A 42 -6.45 -27.67 -2.23
C LEU A 42 -7.92 -27.35 -2.29
N LEU A 43 -8.24 -26.16 -2.80
CA LEU A 43 -9.66 -25.81 -2.88
C LEU A 43 -10.42 -26.76 -3.82
N GLN A 44 -9.80 -27.11 -4.94
CA GLN A 44 -10.54 -27.91 -5.93
C GLN A 44 -10.80 -29.29 -5.35
N GLU A 45 -9.79 -29.79 -4.63
CA GLU A 45 -9.83 -31.11 -4.00
C GLU A 45 -10.94 -31.13 -2.90
N ALA A 46 -11.16 -30.01 -2.22
CA ALA A 46 -12.27 -29.95 -1.24
C ALA A 46 -13.65 -29.88 -1.89
N GLY A 57 -14.67 -21.85 -16.05
CA GLY A 57 -14.91 -20.77 -15.11
C GLY A 57 -14.39 -20.98 -13.68
N GLU A 58 -14.23 -22.23 -13.29
CA GLU A 58 -13.91 -22.62 -11.92
C GLU A 58 -12.63 -21.88 -11.45
N GLU A 59 -11.62 -21.92 -12.32
CA GLU A 59 -10.32 -21.37 -12.00
C GLU A 59 -10.35 -19.86 -11.86
N GLU A 60 -11.04 -19.25 -12.80
CA GLU A 60 -11.18 -17.82 -12.89
C GLU A 60 -11.79 -17.29 -11.62
N VAL A 61 -12.82 -17.96 -11.16
CA VAL A 61 -13.53 -17.51 -9.99
C VAL A 61 -12.59 -17.51 -8.77
N VAL A 62 -11.84 -18.58 -8.59
CA VAL A 62 -10.90 -18.65 -7.48
C VAL A 62 -9.83 -17.54 -7.63
N VAL A 63 -9.23 -17.38 -8.81
CA VAL A 63 -8.21 -16.35 -9.03
C VAL A 63 -8.74 -14.99 -8.65
N LYS A 64 -10.03 -14.78 -8.88
CA LYS A 64 -10.73 -13.64 -8.30
C LYS A 64 -10.87 -13.50 -6.74
N HIS A 65 -11.10 -14.59 -5.93
CA HIS A 65 -10.96 -14.66 -4.44
C HIS A 65 -9.54 -14.36 -4.00
N PHE A 66 -8.56 -14.89 -4.73
CA PHE A 66 -7.21 -14.44 -4.51
C PHE A 66 -7.03 -12.92 -4.67
N LEU A 67 -7.43 -12.39 -5.82
CA LEU A 67 -7.16 -11.00 -6.08
C LEU A 67 -8.06 -10.14 -5.20
N ASP A 68 -9.32 -10.54 -4.93
CA ASP A 68 -10.17 -9.72 -4.04
C ASP A 68 -9.49 -9.62 -2.66
N SER A 69 -8.96 -10.76 -2.16
CA SER A 69 -8.28 -10.75 -0.87
C SER A 69 -7.08 -9.78 -0.90
N LEU A 70 -6.37 -9.76 -2.03
CA LEU A 70 -5.11 -8.96 -2.15
C LEU A 70 -5.40 -7.47 -2.31
N THR A 71 -6.67 -7.09 -2.53
CA THR A 71 -6.99 -5.68 -2.48
C THR A 71 -6.72 -5.04 -1.12
N LEU A 72 -6.64 -5.84 -0.04
CA LEU A 72 -6.26 -5.26 1.22
C LEU A 72 -4.93 -4.46 1.13
N LEU A 73 -4.11 -4.82 0.14
N LEU A 73 -4.01 -4.85 0.25
CA LEU A 73 -2.77 -4.24 0.01
CA LEU A 73 -2.71 -4.14 0.19
C LEU A 73 -2.85 -2.84 -0.56
C LEU A 73 -2.84 -2.77 -0.48
N ARG A 74 -4.04 -2.45 -0.98
CA ARG A 74 -4.28 -1.05 -1.41
C ARG A 74 -4.39 -0.06 -0.22
N LEU A 75 -4.37 -0.54 1.02
CA LEU A 75 -4.18 0.29 2.22
C LEU A 75 -2.85 -0.14 2.81
N PRO A 76 -1.96 0.81 3.17
CA PRO A 76 -0.62 0.46 3.65
C PRO A 76 -0.61 0.10 5.13
N LEU A 77 -1.47 -0.86 5.47
CA LEU A 77 -1.71 -1.26 6.86
C LEU A 77 -0.88 -2.48 7.30
N TRP A 78 0.02 -3.00 6.46
CA TRP A 78 0.50 -4.36 6.67
C TRP A 78 2.02 -4.50 6.72
N GLN A 79 2.69 -3.52 7.29
CA GLN A 79 4.15 -3.49 7.31
C GLN A 79 4.58 -4.09 8.67
N GLY A 80 5.50 -5.07 8.63
CA GLY A 80 6.11 -5.59 9.84
C GLY A 80 5.36 -6.74 10.52
N PRO A 81 5.82 -7.22 11.68
CA PRO A 81 5.27 -8.40 12.35
C PRO A 81 4.00 -8.14 13.17
N LEU A 82 3.05 -7.45 12.56
CA LEU A 82 1.75 -7.19 13.19
C LEU A 82 0.95 -8.48 13.45
N ARG A 83 0.26 -8.53 14.57
CA ARG A 83 -0.65 -9.66 14.81
C ARG A 83 -2.00 -9.29 14.24
N VAL A 84 -2.52 -10.18 13.40
CA VAL A 84 -3.69 -9.94 12.57
C VAL A 84 -4.66 -11.08 12.81
N LEU A 85 -5.91 -10.74 12.98
CA LEU A 85 -6.99 -11.72 13.10
C LEU A 85 -7.82 -11.67 11.81
N ASP A 86 -8.06 -12.82 11.15
CA ASP A 86 -9.06 -12.91 10.09
C ASP A 86 -10.28 -13.57 10.70
N LEU A 87 -11.30 -12.79 10.92
CA LEU A 87 -12.47 -13.25 11.63
C LEU A 87 -13.48 -13.83 10.65
N GLY A 88 -13.89 -15.08 10.90
CA GLY A 88 -14.86 -15.72 10.01
C GLY A 88 -14.24 -16.10 8.69
N THR A 89 -13.05 -16.69 8.75
CA THR A 89 -12.17 -16.85 7.60
C THR A 89 -12.69 -17.84 6.57
N GLY A 90 -13.60 -18.74 6.95
CA GLY A 90 -14.06 -19.73 5.99
C GLY A 90 -12.93 -20.63 5.51
N ALA A 91 -12.69 -20.66 4.20
CA ALA A 91 -11.60 -21.49 3.68
C ALA A 91 -10.26 -20.78 3.70
N GLY A 92 -10.21 -19.59 4.32
CA GLY A 92 -8.96 -18.89 4.48
C GLY A 92 -8.90 -17.57 3.71
N PHE A 93 -10.01 -16.85 3.66
CA PHE A 93 -10.07 -15.63 2.84
C PHE A 93 -10.64 -14.54 3.69
N PRO A 94 -9.97 -13.39 3.74
CA PRO A 94 -8.82 -12.96 2.94
C PRO A 94 -7.48 -13.28 3.54
N GLY A 95 -7.47 -13.97 4.66
CA GLY A 95 -6.22 -14.15 5.39
C GLY A 95 -5.08 -14.89 4.73
N LEU A 96 -5.40 -15.97 4.00
CA LEU A 96 -4.29 -16.73 3.42
C LEU A 96 -3.57 -15.96 2.32
N PRO A 97 -4.31 -15.37 1.36
CA PRO A 97 -3.58 -14.55 0.37
C PRO A 97 -2.80 -13.44 1.02
N LEU A 98 -3.38 -12.77 2.01
CA LEU A 98 -2.66 -11.72 2.73
C LEU A 98 -1.35 -12.27 3.30
N LYS A 99 -1.42 -13.40 3.97
CA LYS A 99 -0.24 -13.93 4.63
C LYS A 99 0.82 -14.36 3.62
N ILE A 100 0.38 -14.93 2.53
CA ILE A 100 1.31 -15.28 1.47
C ILE A 100 2.17 -14.09 0.97
N VAL A 101 1.55 -12.93 0.85
N VAL A 101 1.51 -12.98 0.68
CA VAL A 101 2.20 -11.75 0.27
CA VAL A 101 2.23 -11.85 0.10
C VAL A 101 2.76 -10.78 1.35
C VAL A 101 2.97 -11.02 1.15
N ARG A 102 2.45 -11.06 2.62
N ARG A 102 2.46 -11.06 2.39
CA ARG A 102 3.06 -10.32 3.71
CA ARG A 102 3.10 -10.37 3.53
C ARG A 102 3.45 -11.34 4.77
C ARG A 102 3.47 -11.30 4.70
N PRO A 103 4.52 -12.11 4.51
CA PRO A 103 4.90 -13.20 5.42
C PRO A 103 5.24 -12.80 6.86
N GLU A 104 5.58 -11.53 7.10
CA GLU A 104 5.93 -11.19 8.46
C GLU A 104 4.71 -11.09 9.36
N LEU A 105 3.52 -10.98 8.78
CA LEU A 105 2.31 -10.87 9.61
C LEU A 105 2.11 -12.13 10.43
N GLU A 106 1.74 -11.97 11.69
CA GLU A 106 1.47 -13.10 12.56
C GLU A 106 -0.08 -13.26 12.56
N LEU A 107 -0.55 -14.23 11.81
CA LEU A 107 -1.97 -14.35 11.50
C LEU A 107 -2.67 -15.42 12.28
N VAL A 108 -3.82 -15.07 12.81
CA VAL A 108 -4.77 -16.02 13.40
C VAL A 108 -6.04 -16.00 12.56
N LEU A 109 -6.49 -17.18 12.07
CA LEU A 109 -7.64 -17.24 11.21
C LEU A 109 -8.68 -18.02 11.97
N VAL A 110 -9.80 -17.37 12.26
CA VAL A 110 -10.86 -17.93 13.09
C VAL A 110 -12.09 -18.31 12.33
N ASP A 111 -12.66 -19.46 12.63
CA ASP A 111 -14.00 -19.75 12.17
C ASP A 111 -14.76 -20.59 13.18
N ALA A 112 -16.09 -20.40 13.25
CA ALA A 112 -16.95 -21.23 14.08
C ALA A 112 -17.19 -22.62 13.56
N THR A 113 -16.85 -22.88 12.30
CA THR A 113 -17.13 -24.20 11.65
C THR A 113 -15.87 -25.04 11.60
N ARG A 114 -15.87 -26.20 12.32
CA ARG A 114 -14.65 -27.00 12.41
C ARG A 114 -14.08 -27.41 11.06
N LYS A 115 -14.93 -27.83 10.12
CA LYS A 115 -14.45 -28.25 8.78
C LYS A 115 -13.65 -27.15 8.08
N LYS A 116 -14.05 -25.89 8.27
CA LYS A 116 -13.31 -24.81 7.64
C LYS A 116 -11.96 -24.60 8.30
N VAL A 117 -11.92 -24.70 9.64
CA VAL A 117 -10.68 -24.49 10.36
C VAL A 117 -9.72 -25.62 9.96
N ALA A 118 -10.26 -26.82 9.82
CA ALA A 118 -9.43 -27.98 9.42
C ALA A 118 -8.82 -27.76 8.05
N PHE A 119 -9.59 -27.17 7.14
CA PHE A 119 -9.06 -26.84 5.84
C PHE A 119 -7.94 -25.78 5.89
N VAL A 120 -8.16 -24.73 6.69
CA VAL A 120 -7.13 -23.73 6.78
C VAL A 120 -5.83 -24.26 7.40
N GLU A 121 -6.00 -25.05 8.44
CA GLU A 121 -4.85 -25.71 9.08
C GLU A 121 -4.05 -26.54 8.05
N ARG A 122 -4.77 -27.27 7.23
CA ARG A 122 -4.08 -28.07 6.21
C ARG A 122 -3.39 -27.20 5.19
N ALA A 123 -4.06 -26.10 4.79
CA ALA A 123 -3.40 -25.22 3.84
C ALA A 123 -2.12 -24.64 4.36
N ILE A 124 -2.13 -24.26 5.65
CA ILE A 124 -0.98 -23.66 6.27
C ILE A 124 0.23 -24.65 6.19
N GLU A 125 -0.03 -25.89 6.54
CA GLU A 125 1.02 -26.87 6.44
C GLU A 125 1.49 -27.18 5.02
N VAL A 126 0.54 -27.34 4.10
CA VAL A 126 0.86 -27.68 2.71
C VAL A 126 1.65 -26.57 2.05
N LEU A 127 1.27 -25.32 2.34
CA LEU A 127 1.94 -24.17 1.77
C LEU A 127 3.24 -23.82 2.52
N GLY A 128 3.41 -24.42 3.69
CA GLY A 128 4.60 -24.20 4.50
C GLY A 128 4.65 -22.79 5.07
N LEU A 129 3.47 -22.26 5.40
CA LEU A 129 3.43 -20.95 6.02
C LEU A 129 3.86 -21.05 7.48
N LYS A 130 4.61 -20.06 7.93
CA LYS A 130 5.07 -20.02 9.31
C LYS A 130 4.50 -18.73 9.92
N GLY A 131 4.02 -18.79 11.17
CA GLY A 131 3.41 -17.64 11.82
C GLY A 131 1.97 -17.43 11.29
N ALA A 132 1.25 -18.53 11.08
CA ALA A 132 -0.19 -18.53 10.80
C ALA A 132 -0.80 -19.68 11.58
N ARG A 133 -1.93 -19.42 12.24
CA ARG A 133 -2.61 -20.45 13.04
C ARG A 133 -4.09 -20.37 12.70
N ALA A 134 -4.76 -21.49 12.41
CA ALA A 134 -6.21 -21.55 12.31
C ALA A 134 -6.78 -21.88 13.68
N LEU A 135 -7.90 -21.26 14.02
CA LEU A 135 -8.48 -21.47 15.32
C LEU A 135 -9.99 -21.61 15.25
N TRP A 136 -10.52 -22.67 15.85
CA TRP A 136 -11.94 -22.92 15.93
C TRP A 136 -12.56 -22.22 17.11
N GLY A 137 -13.54 -21.36 16.87
CA GLY A 137 -14.15 -20.63 17.94
C GLY A 137 -15.18 -19.65 17.43
N ARG A 138 -15.92 -19.06 18.36
CA ARG A 138 -16.82 -17.96 18.02
C ARG A 138 -16.23 -16.65 18.45
N ALA A 139 -16.38 -15.66 17.58
CA ALA A 139 -15.87 -14.33 17.87
C ALA A 139 -16.29 -13.79 19.21
N GLU A 140 -17.59 -13.93 19.57
CA GLU A 140 -18.12 -13.35 20.79
C GLU A 140 -17.54 -13.96 22.05
N VAL A 141 -17.04 -15.19 21.89
CA VAL A 141 -16.46 -15.91 23.02
C VAL A 141 -14.96 -15.70 23.09
N LEU A 142 -14.30 -15.80 21.93
CA LEU A 142 -12.87 -15.52 21.92
C LEU A 142 -12.49 -14.10 22.38
N ALA A 143 -13.32 -13.12 22.08
CA ALA A 143 -13.04 -11.77 22.49
C ALA A 143 -13.20 -11.47 23.95
N ARG A 144 -13.54 -12.48 24.76
CA ARG A 144 -13.61 -12.30 26.21
C ARG A 144 -12.45 -13.00 26.88
N GLU A 145 -11.58 -13.59 26.09
CA GLU A 145 -10.36 -14.21 26.63
C GLU A 145 -9.21 -13.21 26.57
N ALA A 146 -8.34 -13.11 27.57
CA ALA A 146 -7.23 -12.15 27.53
C ALA A 146 -6.25 -12.44 26.42
N GLY A 147 -6.21 -13.66 25.95
CA GLY A 147 -5.32 -13.98 24.86
C GLY A 147 -5.71 -13.42 23.50
N HIS A 148 -6.97 -12.98 23.38
CA HIS A 148 -7.43 -12.42 22.13
C HIS A 148 -7.96 -11.02 22.30
N ARG A 149 -8.61 -10.73 23.42
CA ARG A 149 -9.21 -9.40 23.59
C ARG A 149 -8.15 -8.33 23.55
N GLU A 150 -8.36 -7.36 22.66
CA GLU A 150 -7.46 -6.24 22.50
C GLU A 150 -6.01 -6.65 22.34
N ALA A 151 -5.81 -7.77 21.62
CA ALA A 151 -4.50 -8.37 21.47
C ALA A 151 -3.98 -8.27 20.06
N TYR A 152 -4.77 -7.71 19.14
CA TYR A 152 -4.35 -7.66 17.73
C TYR A 152 -4.07 -6.22 17.27
N ALA A 153 -3.08 -6.05 16.42
CA ALA A 153 -2.93 -4.77 15.74
C ALA A 153 -3.91 -4.57 14.58
N ARG A 154 -4.31 -5.67 13.94
CA ARG A 154 -5.19 -5.58 12.79
C ARG A 154 -6.22 -6.69 12.86
N ALA A 155 -7.37 -6.45 12.24
CA ALA A 155 -8.34 -7.54 12.03
C ALA A 155 -8.98 -7.28 10.68
N VAL A 156 -9.38 -8.36 10.03
CA VAL A 156 -10.03 -8.30 8.73
C VAL A 156 -11.23 -9.24 8.71
N ALA A 157 -12.21 -8.96 7.91
CA ALA A 157 -13.32 -9.86 7.71
C ALA A 157 -13.91 -9.61 6.36
N ARG A 158 -14.29 -10.68 5.68
CA ARG A 158 -15.05 -10.62 4.44
C ARG A 158 -16.30 -11.50 4.56
N ALA A 159 -17.44 -11.00 4.11
CA ALA A 159 -18.70 -11.78 4.02
C ALA A 159 -19.03 -12.44 5.34
N VAL A 160 -19.05 -11.64 6.38
CA VAL A 160 -19.49 -12.13 7.71
C VAL A 160 -20.80 -11.51 8.21
N ALA A 161 -20.96 -10.18 8.20
CA ALA A 161 -22.17 -9.57 8.78
C ALA A 161 -22.23 -8.10 8.37
N PRO A 162 -23.39 -7.49 8.48
CA PRO A 162 -23.50 -6.04 8.22
C PRO A 162 -22.59 -5.30 9.17
N LEU A 163 -22.12 -4.13 8.73
CA LEU A 163 -21.19 -3.38 9.55
C LEU A 163 -21.60 -3.13 11.03
N CYS A 164 -22.86 -2.83 11.30
CA CYS A 164 -23.29 -2.59 12.68
C CYS A 164 -23.06 -3.82 13.58
N VAL A 165 -23.23 -5.04 13.05
CA VAL A 165 -22.94 -6.26 13.79
C VAL A 165 -21.46 -6.57 13.79
N LEU A 166 -20.86 -6.49 12.60
CA LEU A 166 -19.47 -6.87 12.41
C LEU A 166 -18.55 -5.99 13.26
N SER A 167 -18.90 -4.72 13.43
CA SER A 167 -18.06 -3.83 14.24
C SER A 167 -18.00 -4.31 15.68
N GLU A 168 -19.12 -4.82 16.20
CA GLU A 168 -19.14 -5.33 17.57
C GLU A 168 -18.31 -6.60 17.69
N LEU A 169 -18.25 -7.35 16.60
CA LEU A 169 -17.42 -8.55 16.56
C LEU A 169 -15.93 -8.23 16.42
N LEU A 170 -15.58 -7.22 15.64
CA LEU A 170 -14.16 -6.92 15.31
C LEU A 170 -13.49 -6.02 16.33
N LEU A 171 -14.15 -4.92 16.72
CA LEU A 171 -13.46 -3.95 17.55
C LEU A 171 -12.85 -4.48 18.85
N PRO A 172 -13.55 -5.43 19.51
CA PRO A 172 -12.98 -5.91 20.77
C PRO A 172 -11.66 -6.64 20.65
N PHE A 173 -11.28 -7.09 19.45
CA PHE A 173 -9.99 -7.76 19.28
C PHE A 173 -8.85 -6.79 19.11
N LEU A 174 -9.13 -5.52 18.85
CA LEU A 174 -8.05 -4.59 18.54
C LEU A 174 -7.43 -3.91 19.74
N GLU A 175 -6.12 -3.93 19.83
CA GLU A 175 -5.44 -3.01 20.72
C GLU A 175 -5.76 -1.58 20.35
N VAL A 176 -5.68 -0.69 21.35
CA VAL A 176 -5.89 0.72 21.07
C VAL A 176 -4.84 1.17 20.10
N GLY A 177 -5.25 1.90 19.06
CA GLY A 177 -4.34 2.32 18.00
C GLY A 177 -4.35 1.35 16.83
N GLY A 178 -4.97 0.18 17.04
CA GLY A 178 -5.09 -0.78 15.96
C GLY A 178 -6.18 -0.41 14.94
N ALA A 179 -6.33 -1.25 13.92
CA ALA A 179 -7.30 -0.99 12.87
C ALA A 179 -7.84 -2.25 12.29
N ALA A 180 -9.11 -2.21 11.93
CA ALA A 180 -9.76 -3.34 11.23
C ALA A 180 -10.22 -2.93 9.87
N VAL A 181 -10.22 -3.89 8.95
CA VAL A 181 -10.73 -3.67 7.62
C VAL A 181 -11.90 -4.60 7.41
N ALA A 182 -13.09 -4.02 7.18
CA ALA A 182 -14.25 -4.80 6.74
C ALA A 182 -14.34 -4.68 5.22
N MET A 183 -14.18 -5.79 4.53
CA MET A 183 -14.25 -5.86 3.08
C MET A 183 -15.69 -5.91 2.67
N LYS A 184 -16.07 -4.98 1.81
CA LYS A 184 -17.47 -4.88 1.39
C LYS A 184 -17.56 -4.76 -0.12
N GLY A 185 -18.79 -4.87 -0.62
CA GLY A 185 -19.10 -4.84 -2.03
C GLY A 185 -19.47 -3.46 -2.52
N PRO A 186 -20.27 -3.42 -3.57
CA PRO A 186 -20.54 -2.15 -4.29
C PRO A 186 -21.33 -1.15 -3.50
N ARG A 187 -22.11 -1.60 -2.53
CA ARG A 187 -23.03 -0.70 -1.84
C ARG A 187 -22.77 -0.73 -0.33
N VAL A 188 -22.40 0.41 0.23
CA VAL A 188 -22.18 0.53 1.65
C VAL A 188 -22.92 1.68 2.32
N GLU A 189 -23.69 2.48 1.58
CA GLU A 189 -24.35 3.65 2.20
C GLU A 189 -25.23 3.33 3.34
N GLU A 190 -26.08 2.32 3.15
CA GLU A 190 -27.00 1.97 4.22
C GLU A 190 -26.34 1.39 5.46
N GLU A 191 -25.29 0.60 5.23
CA GLU A 191 -24.61 -0.02 6.34
C GLU A 191 -23.78 1.00 7.11
N LEU A 192 -23.31 2.04 6.40
CA LEU A 192 -22.49 3.09 7.04
C LEU A 192 -23.31 4.16 7.77
N ALA A 193 -24.48 4.46 7.24
CA ALA A 193 -25.17 5.69 7.71
C ALA A 193 -25.37 5.80 9.25
N PRO A 194 -25.80 4.72 9.94
CA PRO A 194 -26.07 4.80 11.38
C PRO A 194 -24.89 4.30 12.21
N LEU A 195 -23.74 4.12 11.57
CA LEU A 195 -22.65 3.39 12.22
C LEU A 195 -21.83 4.19 13.26
N PRO A 196 -21.50 5.47 13.00
CA PRO A 196 -20.56 6.13 13.93
C PRO A 196 -20.97 6.10 15.42
N PRO A 197 -22.25 6.29 15.79
CA PRO A 197 -22.53 6.27 17.24
C PRO A 197 -22.32 4.91 17.86
N ALA A 198 -22.48 3.85 17.08
CA ALA A 198 -22.26 2.51 17.59
C ALA A 198 -20.79 2.25 17.74
N LEU A 199 -20.00 2.73 16.77
CA LEU A 199 -18.57 2.62 16.94
C LEU A 199 -18.09 3.28 18.20
N GLU A 200 -18.61 4.46 18.54
CA GLU A 200 -18.11 5.14 19.71
C GLU A 200 -18.41 4.27 20.96
N ARG A 201 -19.56 3.58 21.01
CA ARG A 201 -19.87 2.73 22.18
C ARG A 201 -18.94 1.59 22.34
N LEU A 202 -18.24 1.26 21.24
CA LEU A 202 -17.35 0.11 21.19
C LEU A 202 -15.87 0.47 21.39
N GLY A 203 -15.58 1.76 21.46
CA GLY A 203 -14.22 2.25 21.51
C GLY A 203 -13.64 2.52 20.15
N GLY A 204 -14.49 2.56 19.11
CA GLY A 204 -14.05 2.68 17.74
C GLY A 204 -14.36 4.04 17.16
N ARG A 205 -13.78 4.26 15.98
CA ARG A 205 -14.21 5.32 15.13
C ARG A 205 -14.00 4.94 13.66
N LEU A 206 -14.78 5.55 12.79
CA LEU A 206 -14.72 5.24 11.37
C LEU A 206 -13.50 5.89 10.76
N GLY A 207 -12.69 5.08 10.11
CA GLY A 207 -11.58 5.61 9.32
C GLY A 207 -12.01 5.71 7.88
N GLU A 208 -11.08 5.37 7.00
N GLU A 208 -11.06 5.53 6.97
CA GLU A 208 -11.25 5.63 5.59
CA GLU A 208 -11.33 5.70 5.56
C GLU A 208 -12.15 4.57 4.91
C GLU A 208 -12.28 4.65 5.05
N VAL A 209 -13.04 5.01 4.04
CA VAL A 209 -13.81 4.10 3.22
C VAL A 209 -13.24 4.18 1.82
N LEU A 210 -12.43 3.17 1.40
CA LEU A 210 -11.77 3.21 0.10
C LEU A 210 -12.58 2.49 -0.93
N ALA A 211 -12.97 3.19 -1.98
CA ALA A 211 -13.62 2.59 -3.13
C ALA A 211 -12.55 2.12 -4.12
N LEU A 212 -12.73 0.93 -4.66
CA LEU A 212 -11.77 0.44 -5.63
C LEU A 212 -12.45 -0.52 -6.57
N GLN A 213 -11.78 -0.90 -7.65
CA GLN A 213 -12.41 -1.83 -8.59
C GLN A 213 -11.62 -3.14 -8.62
N LEU A 214 -12.31 -4.26 -8.64
CA LEU A 214 -11.61 -5.54 -8.60
C LEU A 214 -10.85 -5.72 -9.90
N PRO A 215 -9.58 -6.17 -9.83
CA PRO A 215 -8.82 -6.31 -11.08
C PRO A 215 -9.38 -7.13 -12.22
N LEU A 216 -10.03 -8.24 -12.17
CA LEU A 216 -10.08 -8.52 -13.69
C LEU A 216 -11.43 -8.19 -14.31
N SER A 217 -12.38 -8.11 -13.43
CA SER A 217 -13.79 -8.08 -13.70
C SER A 217 -14.35 -6.65 -13.60
N GLY A 218 -13.60 -5.77 -12.94
CA GLY A 218 -14.04 -4.41 -12.67
C GLY A 218 -15.17 -4.23 -11.62
N GLU A 219 -15.55 -5.27 -10.87
CA GLU A 219 -16.63 -5.12 -9.89
C GLU A 219 -16.25 -4.09 -8.80
N ALA A 220 -17.25 -3.39 -8.33
CA ALA A 220 -17.00 -2.36 -7.34
C ALA A 220 -16.79 -2.98 -5.98
N ARG A 221 -15.86 -2.43 -5.21
CA ARG A 221 -15.58 -2.90 -3.86
C ARG A 221 -15.35 -1.72 -2.91
N HIS A 222 -15.53 -1.92 -1.61
CA HIS A 222 -15.14 -0.88 -0.63
C HIS A 222 -14.39 -1.54 0.50
N LEU A 223 -13.28 -0.95 0.95
CA LEU A 223 -12.63 -1.37 2.17
C LEU A 223 -12.99 -0.38 3.25
N VAL A 224 -13.62 -0.82 4.34
CA VAL A 224 -14.08 0.06 5.41
C VAL A 224 -13.11 -0.08 6.58
N VAL A 225 -12.40 0.99 6.93
CA VAL A 225 -11.46 0.93 8.03
C VAL A 225 -12.13 1.35 9.32
N LEU A 226 -11.99 0.52 10.34
CA LEU A 226 -12.43 0.81 11.69
C LEU A 226 -11.20 1.02 12.55
N GLU A 227 -11.09 2.20 13.17
CA GLU A 227 -9.95 2.53 13.99
C GLU A 227 -10.32 2.25 15.43
N LYS A 228 -9.39 1.70 16.20
CA LYS A 228 -9.64 1.49 17.62
C LYS A 228 -9.11 2.67 18.43
N THR A 229 -9.98 3.45 19.05
CA THR A 229 -9.47 4.64 19.71
C THR A 229 -9.45 4.60 21.21
N ALA A 230 -10.24 3.69 21.80
CA ALA A 230 -10.32 3.56 23.25
C ALA A 230 -10.71 2.15 23.62
N PRO A 231 -10.47 1.73 24.89
CA PRO A 231 -10.78 0.35 25.26
C PRO A 231 -12.26 0.03 25.07
N THR A 232 -12.56 -1.21 24.68
CA THR A 232 -13.94 -1.62 24.55
C THR A 232 -14.53 -1.87 25.92
N PRO A 233 -15.68 -1.26 26.22
CA PRO A 233 -16.35 -1.53 27.49
C PRO A 233 -16.68 -3.01 27.67
N PRO A 234 -16.69 -3.48 28.92
CA PRO A 234 -16.85 -4.92 29.19
C PRO A 234 -18.16 -5.48 28.66
N ALA A 235 -19.11 -4.61 28.36
CA ALA A 235 -20.36 -5.16 27.87
C ALA A 235 -20.24 -5.84 26.50
N TYR A 236 -19.19 -5.52 25.77
CA TYR A 236 -19.11 -6.04 24.43
C TYR A 236 -17.88 -6.92 24.22
N PRO A 237 -17.97 -7.89 23.28
CA PRO A 237 -19.21 -8.19 22.55
C PRO A 237 -20.25 -8.94 23.38
N ARG A 238 -21.49 -8.81 22.98
CA ARG A 238 -22.53 -9.56 23.70
C ARG A 238 -22.46 -11.05 23.32
N ARG A 239 -23.31 -11.88 23.93
CA ARG A 239 -23.21 -13.31 23.74
C ARG A 239 -23.54 -13.74 22.36
N PRO A 240 -23.07 -14.91 22.01
CA PRO A 240 -23.26 -15.46 20.67
C PRO A 240 -24.73 -15.34 20.25
N GLY A 241 -24.87 -14.72 19.09
CA GLY A 241 -26.17 -14.53 18.50
C GLY A 241 -26.85 -13.22 18.84
N VAL A 242 -26.41 -12.59 19.94
CA VAL A 242 -27.06 -11.37 20.37
C VAL A 242 -26.73 -10.11 19.55
N PRO A 243 -25.46 -9.93 19.13
CA PRO A 243 -25.22 -8.83 18.21
C PRO A 243 -26.01 -8.93 16.92
N GLU A 244 -26.13 -10.16 16.44
CA GLU A 244 -26.94 -10.35 15.27
C GLU A 244 -28.40 -10.02 15.49
N ARG A 245 -29.01 -10.49 16.61
CA ARG A 245 -30.42 -10.24 16.75
C ARG A 245 -30.85 -8.88 17.34
N HIS A 246 -29.93 -8.20 18.00
CA HIS A 246 -30.21 -6.85 18.56
C HIS A 246 -29.00 -5.98 18.23
N PRO A 247 -28.76 -5.75 16.94
CA PRO A 247 -27.57 -4.97 16.56
C PRO A 247 -27.57 -3.55 17.14
N LEU A 248 -26.37 -2.96 17.29
CA LEU A 248 -26.22 -1.65 17.87
C LEU A 248 -26.69 -0.58 16.94
N CYS A 249 -26.89 -0.93 15.66
CA CYS A 249 -27.48 0.03 14.71
C CYS A 249 -28.04 -0.71 13.50
N MET B 1 -6.28 23.82 22.52
CA MET B 1 -5.35 22.68 22.20
C MET B 1 -4.23 23.00 21.18
N PHE B 2 -3.21 22.12 21.04
CA PHE B 2 -2.02 22.20 20.14
C PHE B 2 -1.31 23.59 20.23
N HIC B 3 -1.01 24.02 21.46
CA HIC B 3 -0.32 25.33 21.68
C HIC B 3 1.20 25.30 21.76
O HIC B 3 1.83 26.34 21.55
CB HIC B 3 -0.84 25.78 23.06
CG HIC B 3 -2.36 25.89 22.96
ND1 HIC B 3 -3.02 26.82 22.26
CD2 HIC B 3 -3.25 25.05 23.46
CE1 HIC B 3 -4.33 26.59 22.35
NE2 HIC B 3 -4.47 25.48 23.06
CZ HIC B 3 -5.70 24.82 23.48
N GLY B 4 1.74 24.11 21.97
CA GLY B 4 3.14 23.93 22.26
C GLY B 4 4.04 24.31 21.07
N LYS B 5 5.15 24.99 21.37
CA LYS B 5 5.98 25.51 20.31
C LYS B 5 7.31 24.76 20.26
N HIS B 6 8.10 24.97 19.21
CA HIS B 6 9.37 24.25 19.15
C HIS B 6 10.42 25.16 18.52
N PRO B 7 11.57 25.30 19.16
CA PRO B 7 12.49 26.29 18.57
C PRO B 7 13.13 25.81 17.24
N GLY B 8 13.35 24.51 17.10
CA GLY B 8 13.98 23.95 15.90
C GLY B 8 13.34 22.62 15.51
N GLY B 9 12.14 22.68 14.95
CA GLY B 9 11.42 21.44 14.69
C GLY B 9 9.93 21.70 14.62
N LEU B 10 9.19 20.62 14.39
CA LEU B 10 7.75 20.71 14.31
C LEU B 10 7.12 21.11 15.64
N SER B 11 6.15 22.02 15.58
CA SER B 11 5.38 22.44 16.74
C SER B 11 4.38 21.34 17.17
N GLU B 12 3.70 21.49 18.29
CA GLU B 12 2.71 20.53 18.67
C GLU B 12 1.67 20.43 17.57
N ARG B 13 1.29 21.56 17.00
CA ARG B 13 0.24 21.55 15.99
C ARG B 13 0.78 20.85 14.73
N GLY B 14 2.02 21.15 14.35
CA GLY B 14 2.58 20.51 13.18
C GLY B 14 2.72 18.99 13.31
N ARG B 15 3.15 18.53 14.49
N ARG B 15 3.18 18.50 14.48
CA ARG B 15 3.20 17.11 14.81
CA ARG B 15 3.21 17.05 14.71
C ARG B 15 1.82 16.49 14.67
C ARG B 15 1.79 16.50 14.58
N ALA B 16 0.82 17.14 15.24
CA ALA B 16 -0.54 16.60 15.20
C ALA B 16 -1.05 16.56 13.75
N LEU B 17 -0.78 17.61 12.95
CA LEU B 17 -1.22 17.59 11.54
C LEU B 17 -0.58 16.40 10.82
N LEU B 18 0.71 16.22 11.04
CA LEU B 18 1.41 15.11 10.39
C LEU B 18 0.81 13.75 10.79
N LEU B 19 0.54 13.56 12.08
CA LEU B 19 -0.02 12.29 12.52
C LEU B 19 -1.39 12.07 11.89
N GLU B 20 -2.21 13.13 11.89
CA GLU B 20 -3.57 13.02 11.40
C GLU B 20 -3.58 12.72 9.91
N GLY B 21 -2.73 13.43 9.17
CA GLY B 21 -2.67 13.21 7.73
C GLY B 21 -2.14 11.82 7.45
N GLY B 22 -1.15 11.39 8.22
CA GLY B 22 -0.65 10.04 8.11
C GLY B 22 -1.73 9.00 8.31
N LYS B 23 -2.52 9.14 9.36
CA LYS B 23 -3.59 8.18 9.60
C LYS B 23 -4.61 8.13 8.44
N ALA B 24 -4.90 9.30 7.87
CA ALA B 24 -5.72 9.29 6.70
C ALA B 24 -5.16 8.45 5.51
N LEU B 25 -3.84 8.43 5.36
CA LEU B 25 -3.20 7.64 4.32
C LEU B 25 -3.17 6.18 4.73
N GLY B 26 -3.46 5.82 5.99
CA GLY B 26 -3.25 4.45 6.43
C GLY B 26 -1.98 4.22 7.19
N LEU B 27 -1.26 5.29 7.54
CA LEU B 27 0.06 5.17 8.15
C LEU B 27 0.09 5.55 9.62
N ASP B 28 0.92 4.87 10.41
CA ASP B 28 1.17 5.34 11.78
C ASP B 28 2.50 6.04 11.81
N LEU B 29 2.49 7.38 11.81
CA LEU B 29 3.75 8.08 11.72
C LEU B 29 4.41 8.39 13.07
N LYS B 30 3.86 7.88 14.17
CA LYS B 30 4.50 8.22 15.46
C LYS B 30 5.97 7.87 15.55
N PRO B 31 6.39 6.72 15.03
CA PRO B 31 7.81 6.34 15.12
C PRO B 31 8.70 7.29 14.33
N HIS B 32 8.11 8.08 13.43
CA HIS B 32 8.91 8.89 12.53
C HIS B 32 8.82 10.37 12.80
N LEU B 33 8.09 10.77 13.85
CA LEU B 33 7.94 12.19 14.13
C LEU B 33 9.26 12.96 14.25
N GLU B 34 10.24 12.35 14.93
CA GLU B 34 11.47 13.04 15.17
C GLU B 34 12.26 13.25 13.89
N ALA B 35 12.28 12.22 13.03
CA ALA B 35 12.92 12.35 11.73
C ALA B 35 12.25 13.47 10.90
N PHE B 36 10.91 13.48 10.84
CA PHE B 36 10.23 14.52 10.09
C PHE B 36 10.39 15.86 10.71
N SER B 37 10.45 15.91 12.06
CA SER B 37 10.65 17.18 12.74
C SER B 37 12.05 17.73 12.45
N ARG B 38 13.05 16.86 12.45
CA ARG B 38 14.39 17.29 12.07
C ARG B 38 14.46 17.78 10.63
N LEU B 39 13.75 17.10 9.73
CA LEU B 39 13.81 17.46 8.34
C LEU B 39 13.16 18.83 8.16
N TYR B 40 12.05 19.08 8.86
CA TYR B 40 11.41 20.39 8.82
C TYR B 40 12.38 21.45 9.31
N ALA B 41 13.06 21.16 10.40
CA ALA B 41 14.03 22.15 10.90
C ALA B 41 15.08 22.50 9.83
N LEU B 42 15.62 21.49 9.17
CA LEU B 42 16.61 21.74 8.14
C LEU B 42 16.06 22.61 7.03
N LEU B 43 14.82 22.34 6.65
CA LEU B 43 14.21 23.12 5.58
C LEU B 43 14.10 24.62 6.00
N GLN B 44 13.64 24.87 7.21
CA GLN B 44 13.42 26.27 7.64
C GLN B 44 14.77 26.96 7.66
N GLU B 45 15.78 26.25 8.11
CA GLU B 45 17.10 26.85 8.21
C GLU B 45 17.72 27.12 6.84
N ALA B 46 17.41 26.30 5.83
CA ALA B 46 17.62 26.77 4.48
C ALA B 46 16.48 27.75 4.21
N GLU B 58 3.38 28.17 7.04
CA GLU B 58 4.72 27.76 6.61
C GLU B 58 4.99 26.31 7.05
N GLU B 59 4.69 26.03 8.31
CA GLU B 59 4.79 24.66 8.81
C GLU B 59 3.82 23.75 8.10
N GLU B 60 2.61 24.24 7.95
CA GLU B 60 1.54 23.46 7.40
C GLU B 60 1.87 23.10 5.95
N VAL B 61 2.42 24.08 5.23
CA VAL B 61 2.79 23.83 3.85
C VAL B 61 3.80 22.67 3.81
N VAL B 62 4.84 22.72 4.63
CA VAL B 62 5.80 21.65 4.65
C VAL B 62 5.13 20.30 4.98
N VAL B 63 4.35 20.26 6.05
CA VAL B 63 3.68 19.00 6.46
C VAL B 63 2.89 18.37 5.31
N LYS B 64 2.27 19.21 4.52
CA LYS B 64 1.77 18.77 3.22
C LYS B 64 2.69 18.13 2.17
N HIS B 65 3.96 18.64 2.04
CA HIS B 65 5.06 18.11 1.19
C HIS B 65 5.46 16.76 1.77
N PHE B 66 5.49 16.67 3.10
CA PHE B 66 5.64 15.36 3.69
C PHE B 66 4.48 14.44 3.26
N LEU B 67 3.24 14.87 3.46
CA LEU B 67 2.14 13.97 3.23
C LEU B 67 2.01 13.71 1.76
N ASP B 68 2.22 14.72 0.90
CA ASP B 68 2.10 14.50 -0.56
C ASP B 68 3.09 13.40 -0.97
N SER B 69 4.30 13.48 -0.43
CA SER B 69 5.32 12.48 -0.76
C SER B 69 4.86 11.07 -0.32
N LEU B 70 4.24 11.02 0.86
CA LEU B 70 3.81 9.74 1.43
C LEU B 70 2.60 9.12 0.72
N THR B 71 1.92 9.89 -0.12
CA THR B 71 0.89 9.27 -0.98
C THR B 71 1.45 8.17 -1.85
N LEU B 72 2.78 8.13 -2.08
CA LEU B 72 3.32 7.02 -2.85
C LEU B 72 2.95 5.65 -2.21
N LEU B 73 2.71 5.71 -0.90
N LEU B 73 2.75 5.62 -0.90
CA LEU B 73 2.40 4.55 -0.04
CA LEU B 73 2.51 4.34 -0.21
C LEU B 73 1.01 4.00 -0.29
C LEU B 73 1.10 3.84 -0.52
N ARG B 74 0.27 4.67 -1.15
CA ARG B 74 -1.06 4.21 -1.61
C ARG B 74 -0.96 3.20 -2.79
N LEU B 75 0.24 2.99 -3.33
CA LEU B 75 0.53 1.89 -4.25
C LEU B 75 1.47 0.96 -3.53
N PRO B 76 1.23 -0.35 -3.53
CA PRO B 76 2.04 -1.28 -2.76
C PRO B 76 3.34 -1.72 -3.47
N LEU B 77 4.08 -0.70 -3.90
CA LEU B 77 5.27 -0.85 -4.75
C LEU B 77 6.57 -0.86 -3.96
N TRP B 78 6.52 -0.83 -2.62
CA TRP B 78 7.72 -0.48 -1.87
C TRP B 78 8.21 -1.49 -0.84
N GLN B 79 8.05 -2.78 -1.15
CA GLN B 79 8.45 -3.86 -0.29
C GLN B 79 9.84 -4.34 -0.51
N GLY B 80 10.61 -4.44 0.57
CA GLY B 80 11.92 -5.05 0.56
C GLY B 80 13.01 -4.08 0.13
N PRO B 81 14.21 -4.58 -0.11
CA PRO B 81 15.39 -3.76 -0.39
C PRO B 81 15.50 -3.33 -1.85
N LEU B 82 14.40 -2.84 -2.40
CA LEU B 82 14.40 -2.31 -3.77
C LEU B 82 15.33 -1.10 -3.97
N ARG B 83 16.00 -1.07 -5.12
CA ARG B 83 16.81 0.11 -5.44
C ARG B 83 15.90 1.09 -6.17
N VAL B 84 15.83 2.30 -5.63
CA VAL B 84 14.88 3.34 -6.04
C VAL B 84 15.67 4.61 -6.39
N LEU B 85 15.29 5.25 -7.48
CA LEU B 85 15.86 6.53 -7.91
C LEU B 85 14.76 7.58 -7.72
N ASP B 86 15.07 8.67 -7.03
CA ASP B 86 14.25 9.88 -7.02
C ASP B 86 14.90 10.85 -7.97
N LEU B 87 14.28 11.03 -9.13
N LEU B 87 14.30 11.03 -9.15
CA LEU B 87 14.83 11.85 -10.19
CA LEU B 87 14.89 11.83 -10.21
C LEU B 87 14.43 13.29 -9.98
C LEU B 87 14.45 13.28 -10.11
N GLY B 88 15.41 14.19 -10.00
CA GLY B 88 15.08 15.62 -9.86
C GLY B 88 14.54 15.93 -8.47
N THR B 89 15.21 15.40 -7.44
CA THR B 89 14.71 15.38 -6.07
C THR B 89 14.56 16.75 -5.41
N GLY B 90 15.26 17.78 -5.88
CA GLY B 90 15.22 19.07 -5.21
C GLY B 90 15.75 18.95 -3.80
N ALA B 91 14.97 19.39 -2.81
CA ALA B 91 15.38 19.27 -1.40
C ALA B 91 15.15 17.91 -0.80
N GLY B 92 14.76 16.91 -1.63
CA GLY B 92 14.61 15.57 -1.16
C GLY B 92 13.17 15.05 -1.21
N PHE B 93 12.41 15.42 -2.25
CA PHE B 93 10.98 15.07 -2.28
C PHE B 93 10.68 14.53 -3.61
N PRO B 94 10.04 13.36 -3.65
CA PRO B 94 9.42 12.63 -2.55
C PRO B 94 10.31 11.61 -1.88
N GLY B 95 11.58 11.51 -2.28
CA GLY B 95 12.41 10.43 -1.78
C GLY B 95 12.71 10.37 -0.29
N LEU B 96 12.90 11.52 0.37
CA LEU B 96 13.23 11.44 1.81
C LEU B 96 12.06 10.93 2.68
N PRO B 97 10.86 11.49 2.50
CA PRO B 97 9.75 10.92 3.28
C PRO B 97 9.56 9.45 2.95
N LEU B 98 9.69 9.06 1.70
CA LEU B 98 9.58 7.65 1.30
C LEU B 98 10.59 6.83 2.08
N LYS B 99 11.83 7.28 2.11
CA LYS B 99 12.89 6.49 2.71
C LYS B 99 12.70 6.40 4.23
N ILE B 100 12.27 7.49 4.83
CA ILE B 100 11.96 7.47 6.26
C ILE B 100 10.97 6.37 6.65
N VAL B 101 9.88 6.26 5.91
CA VAL B 101 8.83 5.27 6.24
C VAL B 101 9.08 3.86 5.64
N ARG B 102 10.06 3.76 4.75
N ARG B 102 9.89 3.74 4.58
CA ARG B 102 10.33 2.47 4.17
CA ARG B 102 10.30 2.41 4.05
C ARG B 102 11.84 2.29 4.13
C ARG B 102 11.86 2.34 4.13
N PRO B 103 12.42 2.19 5.33
CA PRO B 103 13.90 2.19 5.47
C PRO B 103 14.65 1.10 4.71
N GLU B 104 14.01 0.03 4.30
CA GLU B 104 14.74 -1.00 3.57
C GLU B 104 15.05 -0.57 2.14
N LEU B 105 14.36 0.45 1.62
CA LEU B 105 14.65 0.87 0.25
C LEU B 105 16.10 1.42 0.13
N GLU B 106 16.80 1.04 -0.94
CA GLU B 106 18.13 1.56 -1.26
C GLU B 106 17.91 2.75 -2.22
N LEU B 107 17.96 3.96 -1.69
CA LEU B 107 17.56 5.17 -2.41
C LEU B 107 18.72 5.95 -2.95
N VAL B 108 18.62 6.37 -4.20
CA VAL B 108 19.54 7.34 -4.80
C VAL B 108 18.71 8.56 -5.19
N LEU B 109 19.09 9.77 -4.74
CA LEU B 109 18.31 10.95 -5.01
C LEU B 109 19.18 11.83 -5.84
N VAL B 110 18.72 12.12 -7.06
CA VAL B 110 19.48 12.84 -8.08
C VAL B 110 18.98 14.24 -8.31
N ASP B 111 19.89 15.20 -8.42
CA ASP B 111 19.52 16.51 -8.91
C ASP B 111 20.66 17.12 -9.72
N ALA B 112 20.31 17.86 -10.76
CA ALA B 112 21.29 18.67 -11.50
C ALA B 112 21.86 19.87 -10.75
N THR B 113 21.27 20.30 -9.63
CA THR B 113 21.71 21.54 -8.90
C THR B 113 22.48 21.12 -7.65
N ARG B 114 23.79 21.52 -7.62
CA ARG B 114 24.68 21.09 -6.53
C ARG B 114 24.13 21.46 -5.15
N LYS B 115 23.58 22.66 -5.04
CA LYS B 115 23.07 23.14 -3.74
C LYS B 115 21.97 22.23 -3.18
N LYS B 116 21.16 21.69 -4.06
CA LYS B 116 20.08 20.80 -3.63
C LYS B 116 20.65 19.46 -3.20
N VAL B 117 21.65 18.96 -3.94
CA VAL B 117 22.24 17.68 -3.60
C VAL B 117 22.93 17.82 -2.25
N ALA B 118 23.60 18.95 -2.05
CA ALA B 118 24.27 19.19 -0.77
C ALA B 118 23.28 19.22 0.39
N PHE B 119 22.09 19.80 0.15
CA PHE B 119 21.12 19.78 1.19
C PHE B 119 20.61 18.36 1.47
N VAL B 120 20.33 17.58 0.42
CA VAL B 120 19.93 16.21 0.64
C VAL B 120 20.99 15.37 1.39
N GLU B 121 22.24 15.50 0.99
CA GLU B 121 23.29 14.76 1.70
C GLU B 121 23.31 15.17 3.17
N ARG B 122 23.13 16.45 3.45
CA ARG B 122 23.11 16.83 4.86
C ARG B 122 21.95 16.23 5.59
N ALA B 123 20.79 16.21 4.94
CA ALA B 123 19.64 15.65 5.58
C ALA B 123 19.84 14.19 5.89
N ILE B 124 20.44 13.46 4.96
CA ILE B 124 20.68 12.04 5.17
C ILE B 124 21.55 11.84 6.47
N GLU B 125 22.58 12.63 6.58
CA GLU B 125 23.46 12.51 7.75
C GLU B 125 22.75 12.90 9.06
N VAL B 126 22.06 14.03 9.05
CA VAL B 126 21.41 14.56 10.26
C VAL B 126 20.34 13.59 10.72
N LEU B 127 19.60 13.06 9.75
CA LEU B 127 18.52 12.14 10.08
C LEU B 127 19.06 10.72 10.41
N GLY B 128 20.31 10.47 10.06
CA GLY B 128 20.92 9.16 10.32
C GLY B 128 20.38 8.06 9.41
N LEU B 129 19.92 8.46 8.22
CA LEU B 129 19.48 7.48 7.24
C LEU B 129 20.67 6.67 6.72
N LYS B 130 20.43 5.37 6.61
CA LYS B 130 21.36 4.42 6.05
C LYS B 130 20.76 3.84 4.77
N GLY B 131 21.58 3.66 3.75
CA GLY B 131 21.08 3.20 2.46
C GLY B 131 20.33 4.28 1.67
N ALA B 132 20.83 5.51 1.70
CA ALA B 132 20.36 6.64 0.92
C ALA B 132 21.57 7.47 0.52
N ARG B 133 21.66 7.85 -0.75
CA ARG B 133 22.75 8.74 -1.17
C ARG B 133 22.25 9.75 -2.16
N ALA B 134 22.72 10.97 -1.99
CA ALA B 134 22.40 12.07 -2.91
C ALA B 134 23.46 12.11 -3.99
N LEU B 135 23.04 12.39 -5.21
CA LEU B 135 23.95 12.35 -6.34
C LEU B 135 23.73 13.54 -7.28
N TRP B 136 24.80 14.28 -7.55
CA TRP B 136 24.75 15.39 -8.48
C TRP B 136 24.91 14.91 -9.91
N GLY B 137 23.94 15.17 -10.78
CA GLY B 137 24.05 14.72 -12.15
C GLY B 137 22.82 15.10 -12.93
N ARG B 138 22.93 14.98 -14.26
CA ARG B 138 21.78 15.11 -15.18
C ARG B 138 21.23 13.76 -15.51
N ALA B 139 19.92 13.63 -15.47
CA ALA B 139 19.27 12.38 -15.83
C ALA B 139 19.74 11.79 -17.14
N GLU B 140 19.88 12.65 -18.17
CA GLU B 140 20.18 12.16 -19.51
C GLU B 140 21.59 11.59 -19.60
N VAL B 141 22.44 12.03 -18.68
CA VAL B 141 23.81 11.58 -18.69
C VAL B 141 23.98 10.36 -17.83
N LEU B 142 23.38 10.40 -16.64
CA LEU B 142 23.49 9.25 -15.75
C LEU B 142 22.88 7.97 -16.34
N ALA B 143 21.80 8.09 -17.11
CA ALA B 143 21.17 6.95 -17.72
C ALA B 143 21.96 6.28 -18.85
N ARG B 144 23.16 6.80 -19.15
CA ARG B 144 24.05 6.17 -20.11
C ARG B 144 25.22 5.51 -19.44
N GLU B 145 25.26 5.55 -18.12
CA GLU B 145 26.30 4.88 -17.35
C GLU B 145 25.79 3.48 -16.93
N ALA B 146 26.60 2.43 -16.97
CA ALA B 146 26.10 1.09 -16.61
C ALA B 146 25.71 1.03 -15.13
N GLY B 147 26.26 1.91 -14.34
CA GLY B 147 25.90 1.99 -12.94
C GLY B 147 24.48 2.40 -12.61
N HIS B 148 23.84 3.06 -13.58
CA HIS B 148 22.50 3.52 -13.38
C HIS B 148 21.54 3.00 -14.39
N ARG B 149 21.99 2.80 -15.62
CA ARG B 149 21.04 2.43 -16.67
C ARG B 149 20.45 1.09 -16.40
N GLU B 150 19.13 1.02 -16.39
CA GLU B 150 18.43 -0.23 -16.12
C GLU B 150 18.91 -0.95 -14.86
N ALA B 151 19.22 -0.13 -13.84
CA ALA B 151 19.77 -0.62 -12.58
C ALA B 151 18.83 -0.47 -11.40
N TYR B 152 17.66 0.11 -11.60
CA TYR B 152 16.72 0.36 -10.52
C TYR B 152 15.46 -0.48 -10.68
N ALA B 153 14.91 -0.92 -9.55
CA ALA B 153 13.60 -1.54 -9.52
C ALA B 153 12.47 -0.50 -9.58
N ARG B 154 12.74 0.70 -9.05
CA ARG B 154 11.72 1.74 -8.99
C ARG B 154 12.32 3.11 -9.27
N ALA B 155 11.51 4.01 -9.80
CA ALA B 155 11.93 5.41 -9.91
C ALA B 155 10.70 6.25 -9.64
N VAL B 156 10.91 7.43 -9.08
CA VAL B 156 9.87 8.37 -8.74
C VAL B 156 10.30 9.76 -9.17
N ALA B 157 9.36 10.60 -9.51
CA ALA B 157 9.64 12.01 -9.78
C ALA B 157 8.44 12.82 -9.47
N ARG B 158 8.67 13.96 -8.88
CA ARG B 158 7.63 14.99 -8.69
C ARG B 158 8.09 16.34 -9.23
N ALA B 159 7.21 17.00 -9.96
CA ALA B 159 7.46 18.38 -10.46
C ALA B 159 8.75 18.45 -11.22
N VAL B 160 8.89 17.59 -12.19
CA VAL B 160 10.05 17.62 -13.09
C VAL B 160 9.71 18.02 -14.53
N ALA B 161 8.74 17.35 -15.16
CA ALA B 161 8.50 17.60 -16.58
C ALA B 161 7.18 16.97 -16.99
N PRO B 162 6.63 17.39 -18.10
CA PRO B 162 5.45 16.69 -18.66
C PRO B 162 5.71 15.22 -18.88
N LEU B 163 4.66 14.37 -18.78
CA LEU B 163 4.87 12.95 -18.94
C LEU B 163 5.66 12.52 -20.21
N CYS B 164 5.42 13.15 -21.35
CA CYS B 164 6.11 12.71 -22.58
C CYS B 164 7.63 12.89 -22.44
N VAL B 165 8.09 13.95 -21.76
CA VAL B 165 9.49 14.17 -21.53
C VAL B 165 9.97 13.33 -20.36
N LEU B 166 9.23 13.34 -19.26
CA LEU B 166 9.63 12.67 -18.04
C LEU B 166 9.77 11.16 -18.28
N SER B 167 8.93 10.58 -19.13
CA SER B 167 9.05 9.15 -19.40
C SER B 167 10.38 8.79 -20.05
N GLU B 168 10.87 9.68 -20.94
CA GLU B 168 12.16 9.42 -21.55
C GLU B 168 13.27 9.54 -20.52
N LEU B 169 13.06 10.39 -19.52
CA LEU B 169 14.06 10.53 -18.44
C LEU B 169 14.02 9.35 -17.47
N LEU B 170 12.82 8.82 -17.16
CA LEU B 170 12.68 7.81 -16.11
C LEU B 170 12.87 6.40 -16.62
N LEU B 171 12.24 6.07 -17.75
CA LEU B 171 12.27 4.67 -18.18
C LEU B 171 13.66 4.03 -18.36
N PRO B 172 14.67 4.79 -18.87
CA PRO B 172 15.98 4.18 -19.06
C PRO B 172 16.63 3.74 -17.73
N PHE B 173 16.20 4.26 -16.58
CA PHE B 173 16.76 3.81 -15.29
C PHE B 173 16.21 2.48 -14.83
N LEU B 174 15.06 2.06 -15.37
CA LEU B 174 14.39 0.86 -14.82
C LEU B 174 14.85 -0.47 -15.40
N GLU B 175 15.14 -1.42 -14.53
CA GLU B 175 15.30 -2.79 -14.99
C GLU B 175 13.99 -3.28 -15.54
N VAL B 176 14.05 -4.29 -16.40
CA VAL B 176 12.87 -4.82 -17.01
C VAL B 176 12.07 -5.46 -15.88
N GLY B 177 10.78 -5.15 -15.82
CA GLY B 177 9.87 -5.59 -14.74
C GLY B 177 9.76 -4.54 -13.62
N GLY B 178 10.57 -3.48 -13.70
CA GLY B 178 10.52 -2.39 -12.71
C GLY B 178 9.37 -1.43 -13.02
N ALA B 179 9.22 -0.43 -12.19
CA ALA B 179 8.12 0.51 -12.36
C ALA B 179 8.51 1.88 -11.85
N ALA B 180 8.00 2.91 -12.51
CA ALA B 180 8.22 4.29 -12.08
C ALA B 180 6.89 4.90 -11.73
N VAL B 181 6.92 5.81 -10.78
CA VAL B 181 5.75 6.58 -10.45
C VAL B 181 6.00 8.04 -10.75
N ALA B 182 5.22 8.63 -11.65
CA ALA B 182 5.26 10.06 -11.90
C ALA B 182 4.13 10.70 -11.08
N MET B 183 4.47 11.51 -10.08
CA MET B 183 3.49 12.19 -9.20
C MET B 183 2.97 13.40 -9.93
N LYS B 184 1.65 13.46 -10.08
CA LYS B 184 1.01 14.56 -10.82
C LYS B 184 -0.13 15.16 -10.01
N GLY B 185 -0.60 16.30 -10.46
CA GLY B 185 -1.67 17.05 -9.82
C GLY B 185 -3.04 16.71 -10.37
N PRO B 186 -3.97 17.64 -10.30
CA PRO B 186 -5.37 17.35 -10.57
C PRO B 186 -5.64 17.01 -12.00
N ARG B 187 -4.81 17.45 -12.95
CA ARG B 187 -5.13 17.31 -14.37
C ARG B 187 -4.03 16.53 -15.09
N VAL B 188 -4.39 15.39 -15.65
CA VAL B 188 -3.45 14.56 -16.43
C VAL B 188 -3.96 14.13 -17.79
N GLU B 189 -5.19 14.50 -18.19
CA GLU B 189 -5.68 14.01 -19.48
C GLU B 189 -4.83 14.37 -20.65
N GLU B 190 -4.40 15.65 -20.73
CA GLU B 190 -3.65 16.08 -21.90
C GLU B 190 -2.25 15.46 -21.94
N GLU B 191 -1.67 15.27 -20.74
CA GLU B 191 -0.34 14.70 -20.68
C GLU B 191 -0.38 13.20 -20.99
N LEU B 192 -1.50 12.55 -20.69
CA LEU B 192 -1.64 11.09 -20.92
C LEU B 192 -2.03 10.77 -22.36
N ALA B 193 -2.83 11.64 -22.97
CA ALA B 193 -3.49 11.20 -24.22
C ALA B 193 -2.52 10.65 -25.31
N PRO B 194 -1.38 11.30 -25.57
CA PRO B 194 -0.52 10.86 -26.67
C PRO B 194 0.63 9.97 -26.19
N LEU B 195 0.57 9.59 -24.92
CA LEU B 195 1.72 8.96 -24.27
C LEU B 195 2.02 7.50 -24.63
N PRO B 196 1.00 6.63 -24.77
CA PRO B 196 1.34 5.20 -24.95
C PRO B 196 2.32 4.87 -26.13
N PRO B 197 2.19 5.49 -27.31
CA PRO B 197 3.14 5.11 -28.37
C PRO B 197 4.56 5.53 -28.08
N ALA B 198 4.76 6.63 -27.34
CA ALA B 198 6.09 7.02 -26.91
C ALA B 198 6.65 6.06 -25.87
N LEU B 199 5.84 5.64 -24.90
CA LEU B 199 6.33 4.64 -23.98
C LEU B 199 6.79 3.39 -24.70
N GLU B 200 6.08 2.98 -25.74
CA GLU B 200 6.51 1.75 -26.39
C GLU B 200 7.93 1.96 -27.02
N ARG B 201 8.22 3.14 -27.55
CA ARG B 201 9.56 3.40 -28.09
C ARG B 201 10.66 3.34 -27.07
N LEU B 202 10.28 3.48 -25.79
CA LEU B 202 11.22 3.53 -24.68
C LEU B 202 11.36 2.19 -23.94
N GLY B 203 10.53 1.23 -24.32
CA GLY B 203 10.47 -0.05 -23.63
C GLY B 203 9.48 -0.04 -22.50
N GLY B 204 8.59 0.93 -22.47
CA GLY B 204 7.63 1.08 -21.39
C GLY B 204 6.21 0.77 -21.81
N ARG B 205 5.34 0.67 -20.81
CA ARG B 205 3.90 0.65 -20.98
C ARG B 205 3.23 1.39 -19.85
N LEU B 206 2.05 1.92 -20.08
CA LEU B 206 1.34 2.63 -19.05
C LEU B 206 0.71 1.64 -18.09
N GLY B 207 0.96 1.84 -16.82
CA GLY B 207 0.24 1.06 -15.82
C GLY B 207 -0.90 1.88 -15.29
N GLU B 208 -1.13 1.73 -14.00
N GLU B 208 -1.20 1.69 -14.03
CA GLU B 208 -2.29 2.34 -13.39
CA GLU B 208 -2.33 2.37 -13.40
C GLU B 208 -2.14 3.85 -13.21
C GLU B 208 -2.13 3.88 -13.33
N VAL B 209 -3.22 4.59 -13.38
CA VAL B 209 -3.30 6.00 -13.03
C VAL B 209 -4.22 6.10 -11.82
N LEU B 210 -3.64 6.26 -10.62
CA LEU B 210 -4.43 6.32 -9.40
C LEU B 210 -4.82 7.73 -9.06
N ALA B 211 -6.10 8.00 -8.96
CA ALA B 211 -6.54 9.29 -8.49
C ALA B 211 -6.68 9.20 -6.97
N LEU B 212 -6.25 10.24 -6.31
CA LEU B 212 -6.42 10.28 -4.86
C LEU B 212 -6.51 11.73 -4.39
N GLN B 213 -6.79 11.92 -3.10
CA GLN B 213 -6.92 13.25 -2.54
C GLN B 213 -5.89 13.47 -1.45
N LEU B 214 -5.23 14.62 -1.49
CA LEU B 214 -4.19 14.90 -0.50
C LEU B 214 -4.86 14.97 0.86
N PRO B 215 -4.26 14.33 1.86
CA PRO B 215 -4.84 14.45 3.22
C PRO B 215 -5.19 15.81 3.81
N LEU B 216 -4.47 16.88 3.76
CA LEU B 216 -5.30 17.73 4.77
C LEU B 216 -6.25 18.70 4.11
N SER B 217 -5.94 18.92 2.86
CA SER B 217 -6.44 19.99 2.05
C SER B 217 -7.48 19.44 1.09
N GLY B 218 -7.40 18.15 0.79
CA GLY B 218 -8.25 17.50 -0.20
C GLY B 218 -7.92 17.81 -1.67
N GLU B 219 -6.78 18.42 -1.96
CA GLU B 219 -6.41 18.73 -3.34
C GLU B 219 -6.28 17.43 -4.18
N ALA B 220 -6.69 17.47 -5.45
CA ALA B 220 -6.64 16.27 -6.24
C ALA B 220 -5.21 15.98 -6.69
N ARG B 221 -4.90 14.68 -6.77
CA ARG B 221 -3.59 14.19 -7.21
C ARG B 221 -3.75 12.95 -8.09
N HIS B 222 -2.74 12.66 -8.91
CA HIS B 222 -2.71 11.38 -9.64
C HIS B 222 -1.34 10.79 -9.54
N LEU B 223 -1.23 9.50 -9.29
CA LEU B 223 0.04 8.76 -9.37
C LEU B 223 0.02 8.00 -10.68
N VAL B 224 0.92 8.30 -11.62
CA VAL B 224 0.95 7.65 -12.92
C VAL B 224 2.05 6.60 -12.90
N VAL B 225 1.69 5.33 -13.01
CA VAL B 225 2.64 4.25 -13.02
C VAL B 225 3.12 3.97 -14.45
N LEU B 226 4.44 3.93 -14.62
CA LEU B 226 5.09 3.52 -15.87
C LEU B 226 5.75 2.16 -15.64
N GLU B 227 5.35 1.15 -16.40
CA GLU B 227 5.95 -0.16 -16.29
C GLU B 227 7.07 -0.29 -17.30
N LYS B 228 8.15 -0.94 -16.90
CA LYS B 228 9.25 -1.28 -17.81
C LYS B 228 9.08 -2.69 -18.38
N THR B 229 8.83 -2.77 -19.68
CA THR B 229 8.55 -4.10 -20.24
C THR B 229 9.56 -4.68 -21.16
N ALA B 230 10.48 -3.86 -21.66
CA ALA B 230 11.52 -4.31 -22.53
C ALA B 230 12.69 -3.35 -22.43
N PRO B 231 13.90 -3.78 -22.84
CA PRO B 231 15.04 -2.89 -22.73
C PRO B 231 14.85 -1.59 -23.52
N THR B 232 15.37 -0.49 -22.97
CA THR B 232 15.31 0.78 -23.68
C THR B 232 16.33 0.80 -24.81
N PRO B 233 15.90 1.14 -26.02
CA PRO B 233 16.85 1.24 -27.13
C PRO B 233 17.97 2.26 -26.87
N PRO B 234 19.15 2.06 -27.45
CA PRO B 234 20.29 2.92 -27.14
C PRO B 234 20.10 4.40 -27.52
N ALA B 235 19.11 4.69 -28.35
CA ALA B 235 18.88 6.10 -28.65
C ALA B 235 18.44 6.94 -27.45
N TYR B 236 17.92 6.29 -26.43
CA TYR B 236 17.35 7.05 -25.35
C TYR B 236 18.08 6.84 -24.04
N PRO B 237 18.11 7.86 -23.18
CA PRO B 237 17.55 9.19 -23.44
C PRO B 237 18.46 10.01 -24.36
N ARG B 238 17.88 10.93 -25.06
CA ARG B 238 18.70 11.81 -25.91
C ARG B 238 19.51 12.75 -25.00
N ARG B 239 20.35 13.61 -25.62
CA ARG B 239 21.29 14.36 -24.83
C ARG B 239 20.57 15.45 -24.05
N PRO B 240 21.25 16.00 -23.08
CA PRO B 240 20.65 16.96 -22.18
C PRO B 240 19.99 18.11 -22.92
N GLY B 241 18.72 18.31 -22.56
CA GLY B 241 17.86 19.30 -23.15
C GLY B 241 17.10 18.92 -24.41
N VAL B 242 17.50 17.84 -25.07
CA VAL B 242 16.80 17.39 -26.26
C VAL B 242 15.42 16.77 -26.03
N PRO B 243 15.25 15.95 -24.96
CA PRO B 243 13.89 15.49 -24.69
C PRO B 243 12.94 16.63 -24.43
N GLU B 244 13.42 17.64 -23.73
CA GLU B 244 12.60 18.79 -23.48
C GLU B 244 12.25 19.54 -24.75
N ARG B 245 13.24 19.79 -25.63
CA ARG B 245 12.92 20.54 -26.82
C ARG B 245 12.31 19.78 -28.03
N HIS B 246 12.47 18.47 -28.07
CA HIS B 246 11.81 17.70 -29.15
C HIS B 246 11.17 16.47 -28.48
N PRO B 247 10.19 16.70 -27.64
CA PRO B 247 9.61 15.58 -26.90
C PRO B 247 9.02 14.48 -27.82
N LEU B 248 8.94 13.25 -27.31
CA LEU B 248 8.41 12.14 -28.09
C LEU B 248 6.95 12.20 -28.29
N CYS B 249 6.26 13.08 -27.54
CA CYS B 249 4.82 13.32 -27.72
C CYS B 249 4.42 14.64 -27.07
N SAM C . -14.40 -14.83 5.00
CA SAM C . -14.67 -15.99 4.14
C SAM C . -14.77 -15.56 2.69
O SAM C . -14.63 -16.37 1.79
OXT SAM C . -15.07 -14.37 2.44
CB SAM C . -15.92 -16.77 4.56
CG SAM C . -17.23 -16.04 4.32
SD SAM C . -18.54 -17.11 5.04
CE SAM C . -19.94 -16.39 4.13
C5' SAM C . -18.60 -16.46 6.71
C4' SAM C . -17.83 -17.35 7.71
O4' SAM C . -17.89 -16.70 8.92
C3' SAM C . -18.45 -18.75 7.91
O3' SAM C . -17.50 -19.76 7.63
C2' SAM C . -18.97 -18.67 9.34
O2' SAM C . -18.84 -19.89 10.07
C1' SAM C . -18.07 -17.63 9.99
N9 SAM C . -18.64 -16.91 11.09
C8 SAM C . -19.78 -16.12 11.08
N7 SAM C . -20.01 -15.59 12.26
C5 SAM C . -18.95 -15.98 13.06
C6 SAM C . -18.71 -15.73 14.43
N6 SAM C . -19.47 -14.92 15.17
N1 SAM C . -17.56 -16.29 14.96
C2 SAM C . -16.75 -17.07 14.17
N3 SAM C . -16.99 -17.37 12.85
C4 SAM C . -18.12 -16.81 12.33
P AMP D . -33.37 -12.23 24.14
O1P AMP D . -34.71 -11.91 24.79
O2P AMP D . -33.32 -11.78 22.68
O3P AMP D . -32.85 -13.64 24.36
O5' AMP D . -32.28 -11.27 24.89
C5' AMP D . -30.90 -11.63 24.90
C4' AMP D . -30.13 -10.41 25.39
O4' AMP D . -30.46 -9.22 24.68
C3' AMP D . -30.51 -10.17 26.84
O3' AMP D . -29.32 -9.67 27.47
C2' AMP D . -31.51 -9.06 26.84
O2' AMP D . -31.29 -8.31 28.06
C1' AMP D . -31.13 -8.30 25.57
N9 AMP D . -32.29 -7.69 24.84
C8 AMP D . -33.62 -8.03 24.80
N7 AMP D . -34.31 -7.19 23.99
C5 AMP D . -33.41 -6.29 23.52
C6 AMP D . -33.44 -5.12 22.64
N6 AMP D . -34.62 -4.77 22.06
N1 AMP D . -32.29 -4.47 22.43
C2 AMP D . -31.12 -4.87 23.03
N3 AMP D . -30.98 -5.94 23.81
C4 AMP D . -32.10 -6.64 24.09
N SAM E . 11.11 16.76 -6.86
CA SAM E . 11.28 17.99 -6.05
C SAM E . 9.96 18.39 -5.43
O SAM E . 9.92 19.12 -4.44
OXT SAM E . 8.89 18.00 -5.99
CB SAM E . 11.89 19.14 -6.87
CG SAM E . 10.92 19.78 -7.87
SD SAM E . 11.91 21.02 -8.82
CE SAM E . 10.54 21.96 -9.53
C5' SAM E . 12.59 20.05 -10.16
C4' SAM E . 14.03 19.61 -9.84
O4' SAM E . 14.44 18.76 -10.88
C3' SAM E . 15.06 20.77 -9.83
O3' SAM E . 15.76 20.76 -8.60
C2' SAM E . 15.92 20.48 -11.06
O2' SAM E . 17.29 20.85 -10.88
C1' SAM E . 15.80 18.97 -11.23
N9 SAM E . 15.91 18.50 -12.58
C8 SAM E . 15.12 18.84 -13.69
N7 SAM E . 15.53 18.19 -14.78
C5 SAM E . 16.57 17.40 -14.38
C6 SAM E . 17.34 16.51 -15.12
N6 SAM E . 17.17 16.30 -16.43
N1 SAM E . 18.32 15.84 -14.43
C2 SAM E . 18.58 16.02 -13.08
N3 SAM E . 17.81 16.89 -12.33
C4 SAM E . 16.81 17.58 -13.01
P AMP F . 18.81 20.78 -32.47
O1P AMP F . 18.87 21.29 -33.92
O2P AMP F . 17.50 21.08 -31.74
O3P AMP F . 20.03 21.11 -31.63
O5' AMP F . 18.84 19.15 -32.64
C5' AMP F . 19.18 18.39 -31.49
C4' AMP F . 18.89 16.92 -31.73
O4' AMP F . 17.52 16.68 -32.02
C3' AMP F . 19.68 16.44 -32.94
O3' AMP F . 19.96 15.06 -32.72
C2' AMP F . 18.71 16.58 -34.10
O2' AMP F . 18.98 15.61 -35.15
C1' AMP F . 17.40 16.28 -33.41
N9 AMP F . 16.27 17.04 -34.00
C8 AMP F . 16.28 18.19 -34.75
N7 AMP F . 15.01 18.54 -35.07
C5 AMP F . 14.21 17.58 -34.55
C6 AMP F . 12.78 17.32 -34.53
N6 AMP F . 11.99 18.22 -35.16
N1 AMP F . 12.36 16.22 -33.88
C2 AMP F . 13.23 15.37 -33.28
N3 AMP F . 14.53 15.55 -33.21
C4 AMP F . 15.04 16.62 -33.85
#